data_2RLH
#
_entry.id   2RLH
#
_entity_poly.entity_id   1
_entity_poly.type   'polypeptide(L)'
_entity_poly.pdbx_seq_one_letter_code
;ALYKKFKKKLLKSLKRLG
;
_entity_poly.pdbx_strand_id   A
#
# COMPACT_ATOMS: atom_id res chain seq x y z
N ALA A 1 0.26 -0.73 -15.73
CA ALA A 1 0.66 -1.10 -14.35
C ALA A 1 0.82 0.14 -13.47
N LEU A 2 0.52 -0.02 -12.19
CA LEU A 2 0.63 1.06 -11.22
C LEU A 2 -0.03 0.68 -9.90
N TYR A 3 -1.06 -0.14 -10.00
CA TYR A 3 -1.78 -0.61 -8.83
C TYR A 3 -0.85 -1.22 -7.80
N LYS A 4 0.39 -1.48 -8.20
CA LYS A 4 1.37 -2.05 -7.30
C LYS A 4 2.09 -0.96 -6.53
N LYS A 5 2.05 0.25 -7.07
CA LYS A 5 2.66 1.39 -6.40
C LYS A 5 1.74 1.85 -5.29
N PHE A 6 0.45 1.92 -5.59
CA PHE A 6 -0.50 2.32 -4.56
C PHE A 6 -0.64 1.21 -3.55
N LYS A 7 -0.41 -0.02 -4.00
CA LYS A 7 -0.47 -1.18 -3.14
C LYS A 7 0.67 -1.12 -2.14
N LYS A 8 1.78 -0.54 -2.58
CA LYS A 8 2.93 -0.37 -1.71
C LYS A 8 2.48 0.44 -0.51
N LYS A 9 1.73 1.49 -0.81
CA LYS A 9 1.18 2.34 0.22
C LYS A 9 0.20 1.56 1.07
N LEU A 10 -0.35 0.48 0.50
CA LEU A 10 -1.27 -0.37 1.24
C LEU A 10 -0.47 -1.31 2.12
N LEU A 11 0.83 -1.34 1.90
CA LEU A 11 1.69 -2.18 2.72
C LEU A 11 1.88 -1.50 4.05
N LYS A 12 2.20 -0.21 3.99
CA LYS A 12 2.35 0.57 5.20
C LYS A 12 1.00 0.64 5.91
N SER A 13 -0.07 0.67 5.11
CA SER A 13 -1.41 0.71 5.66
C SER A 13 -1.80 -0.66 6.18
N LEU A 14 -1.19 -1.70 5.62
CA LEU A 14 -1.48 -3.04 6.07
C LEU A 14 -1.00 -3.21 7.50
N LYS A 15 0.05 -2.48 7.85
CA LYS A 15 0.60 -2.55 9.20
C LYS A 15 -0.21 -1.72 10.20
N ARG A 16 -0.05 -0.40 10.12
CA ARG A 16 -0.73 0.52 11.03
C ARG A 16 -2.09 0.99 10.50
N LEU A 17 -2.50 0.49 9.34
CA LEU A 17 -3.77 0.92 8.73
C LEU A 17 -3.56 2.26 8.03
N GLY A 18 -2.29 2.60 7.83
CA GLY A 18 -1.94 3.85 7.17
C GLY A 18 -1.75 4.99 8.14
N ALA A 1 0.51 -0.56 -15.94
CA ALA A 1 0.92 -1.06 -14.60
C ALA A 1 1.23 0.10 -13.64
N LEU A 2 0.88 -0.08 -12.37
CA LEU A 2 1.12 0.95 -11.36
C LEU A 2 0.35 0.62 -10.09
N TYR A 3 -0.80 -0.02 -10.28
CA TYR A 3 -1.66 -0.43 -9.19
C TYR A 3 -0.88 -1.06 -8.06
N LYS A 4 0.27 -1.59 -8.39
CA LYS A 4 1.10 -2.25 -7.41
C LYS A 4 1.84 -1.25 -6.54
N LYS A 5 2.09 -0.06 -7.07
CA LYS A 5 2.75 0.98 -6.29
C LYS A 5 1.76 1.51 -5.27
N PHE A 6 0.51 1.63 -5.69
CA PHE A 6 -0.52 2.09 -4.78
C PHE A 6 -0.66 1.08 -3.65
N LYS A 7 -0.40 -0.18 -3.99
CA LYS A 7 -0.45 -1.26 -3.03
C LYS A 7 0.68 -1.09 -2.02
N LYS A 8 1.77 -0.47 -2.49
CA LYS A 8 2.92 -0.21 -1.64
C LYS A 8 2.50 0.61 -0.45
N LYS A 9 1.75 1.66 -0.75
CA LYS A 9 1.24 2.55 0.27
C LYS A 9 0.24 1.80 1.13
N LEU A 10 -0.34 0.76 0.56
CA LEU A 10 -1.28 -0.07 1.29
C LEU A 10 -0.53 -1.04 2.18
N LEU A 11 0.78 -1.12 1.97
CA LEU A 11 1.61 -1.98 2.79
C LEU A 11 1.81 -1.30 4.12
N LYS A 12 2.11 -0.02 4.05
CA LYS A 12 2.30 0.78 5.25
C LYS A 12 0.98 0.86 6.01
N SER A 13 -0.12 0.84 5.26
CA SER A 13 -1.44 0.86 5.86
C SER A 13 -1.84 -0.55 6.28
N LEU A 14 -1.20 -1.54 5.67
CA LEU A 14 -1.46 -2.92 6.01
C LEU A 14 -0.92 -3.22 7.39
N LYS A 15 0.16 -2.53 7.75
CA LYS A 15 0.79 -2.71 9.05
C LYS A 15 0.00 -2.00 10.15
N ARG A 16 -0.04 -0.68 10.09
CA ARG A 16 -0.73 0.11 11.10
C ARG A 16 -2.20 0.40 10.75
N LEU A 17 -2.68 -0.09 9.62
CA LEU A 17 -4.06 0.15 9.18
C LEU A 17 -4.20 1.54 8.53
N GLY A 18 -3.05 2.14 8.20
CA GLY A 18 -3.04 3.44 7.57
C GLY A 18 -2.67 4.56 8.53
N ALA A 1 0.00 -2.15 -13.76
CA ALA A 1 0.96 -1.17 -14.33
C ALA A 1 1.09 0.07 -13.45
N LEU A 2 0.68 -0.07 -12.19
CA LEU A 2 0.75 1.04 -11.23
C LEU A 2 0.03 0.68 -9.95
N TYR A 3 -1.05 -0.06 -10.09
CA TYR A 3 -1.84 -0.48 -8.93
C TYR A 3 -0.94 -1.09 -7.87
N LYS A 4 0.23 -1.55 -8.28
CA LYS A 4 1.18 -2.15 -7.38
C LYS A 4 1.91 -1.08 -6.58
N LYS A 5 1.99 0.13 -7.14
CA LYS A 5 2.64 1.22 -6.45
C LYS A 5 1.73 1.71 -5.34
N PHE A 6 0.43 1.78 -5.63
CA PHE A 6 -0.50 2.20 -4.60
C PHE A 6 -0.67 1.08 -3.58
N LYS A 7 -0.31 -0.14 -3.99
CA LYS A 7 -0.37 -1.28 -3.09
C LYS A 7 0.76 -1.16 -2.08
N LYS A 8 1.85 -0.56 -2.52
CA LYS A 8 3.00 -0.33 -1.66
C LYS A 8 2.57 0.49 -0.48
N LYS A 9 1.90 1.57 -0.81
CA LYS A 9 1.36 2.47 0.20
C LYS A 9 0.34 1.73 1.04
N LEU A 10 -0.22 0.67 0.47
CA LEU A 10 -1.19 -0.14 1.20
C LEU A 10 -0.44 -1.11 2.12
N LEU A 11 0.87 -1.20 1.92
CA LEU A 11 1.70 -2.05 2.76
C LEU A 11 1.84 -1.38 4.10
N LYS A 12 2.19 -0.09 4.05
CA LYS A 12 2.32 0.69 5.26
C LYS A 12 0.96 0.75 5.96
N SER A 13 -0.10 0.73 5.15
CA SER A 13 -1.45 0.74 5.69
C SER A 13 -1.82 -0.65 6.20
N LEU A 14 -1.17 -1.67 5.66
CA LEU A 14 -1.43 -3.03 6.08
C LEU A 14 -0.92 -3.24 7.50
N LYS A 15 0.11 -2.48 7.87
CA LYS A 15 0.67 -2.58 9.20
C LYS A 15 -0.18 -1.84 10.22
N ARG A 16 -0.18 -0.52 10.13
CA ARG A 16 -0.93 0.33 11.07
C ARG A 16 -2.36 0.62 10.62
N LEU A 17 -2.76 0.09 9.47
CA LEU A 17 -4.11 0.33 8.94
C LEU A 17 -4.17 1.69 8.24
N GLY A 18 -3.01 2.24 7.93
CA GLY A 18 -2.94 3.54 7.26
C GLY A 18 -2.61 4.67 8.21
N ALA A 1 0.78 -0.52 -15.86
CA ALA A 1 0.86 -0.98 -14.45
C ALA A 1 1.09 0.20 -13.51
N LEU A 2 0.67 0.05 -12.27
CA LEU A 2 0.85 1.09 -11.26
C LEU A 2 0.12 0.74 -9.98
N TYR A 3 -0.99 0.03 -10.13
CA TYR A 3 -1.81 -0.38 -8.99
C TYR A 3 -0.95 -1.04 -7.92
N LYS A 4 0.22 -1.52 -8.34
CA LYS A 4 1.14 -2.17 -7.41
C LYS A 4 1.88 -1.14 -6.59
N LYS A 5 2.02 0.05 -7.15
CA LYS A 5 2.70 1.13 -6.46
C LYS A 5 1.80 1.66 -5.35
N PHE A 6 0.51 1.80 -5.66
CA PHE A 6 -0.41 2.24 -4.64
C PHE A 6 -0.64 1.14 -3.62
N LYS A 7 -0.34 -0.10 -4.03
CA LYS A 7 -0.44 -1.23 -3.14
C LYS A 7 0.70 -1.17 -2.13
N LYS A 8 1.81 -0.58 -2.55
CA LYS A 8 2.97 -0.41 -1.69
C LYS A 8 2.56 0.43 -0.51
N LYS A 9 1.88 1.51 -0.82
CA LYS A 9 1.39 2.41 0.21
C LYS A 9 0.35 1.69 1.06
N LEU A 10 -0.28 0.68 0.48
CA LEU A 10 -1.26 -0.11 1.22
C LEU A 10 -0.52 -1.06 2.14
N LEU A 11 0.78 -1.21 1.91
CA LEU A 11 1.59 -2.05 2.76
C LEU A 11 1.76 -1.34 4.09
N LYS A 12 2.13 -0.08 4.01
CA LYS A 12 2.29 0.74 5.20
C LYS A 12 0.98 0.75 5.96
N SER A 13 -0.14 0.71 5.23
CA SER A 13 -1.44 0.68 5.86
C SER A 13 -1.73 -0.72 6.34
N LEU A 14 -1.10 -1.71 5.71
CA LEU A 14 -1.27 -3.09 6.13
C LEU A 14 -0.73 -3.26 7.54
N LYS A 15 0.22 -2.40 7.91
CA LYS A 15 0.79 -2.47 9.24
C LYS A 15 -0.07 -1.74 10.27
N ARG A 16 -0.26 -0.43 10.11
CA ARG A 16 -1.06 0.35 11.05
C ARG A 16 -2.53 0.43 10.67
N LEU A 17 -2.90 -0.20 9.56
CA LEU A 17 -4.27 -0.19 9.08
C LEU A 17 -4.56 1.09 8.29
N GLY A 18 -3.51 1.84 7.98
CA GLY A 18 -3.67 3.07 7.23
C GLY A 18 -3.36 4.31 8.04
N ALA A 1 -0.28 -0.62 -15.71
CA ALA A 1 0.11 -1.04 -14.34
C ALA A 1 0.31 0.18 -13.43
N LEU A 2 0.08 -0.03 -12.14
CA LEU A 2 0.24 1.05 -11.14
C LEU A 2 -0.33 0.64 -9.81
N TYR A 3 -1.35 -0.21 -9.84
CA TYR A 3 -1.99 -0.70 -8.64
C TYR A 3 -0.96 -1.23 -7.65
N LYS A 4 0.24 -1.52 -8.14
CA LYS A 4 1.29 -2.04 -7.31
C LYS A 4 1.99 -0.90 -6.57
N LYS A 5 1.92 0.29 -7.12
CA LYS A 5 2.53 1.45 -6.49
C LYS A 5 1.66 1.88 -5.31
N PHE A 6 0.34 1.83 -5.50
CA PHE A 6 -0.56 2.17 -4.43
C PHE A 6 -0.64 1.01 -3.43
N LYS A 7 -0.28 -0.18 -3.89
CA LYS A 7 -0.27 -1.34 -3.02
C LYS A 7 0.87 -1.20 -2.04
N LYS A 8 1.95 -0.56 -2.51
CA LYS A 8 3.11 -0.29 -1.66
C LYS A 8 2.64 0.48 -0.47
N LYS A 9 1.95 1.57 -0.79
CA LYS A 9 1.38 2.42 0.22
C LYS A 9 0.36 1.65 1.04
N LEU A 10 -0.14 0.56 0.47
CA LEU A 10 -1.08 -0.28 1.17
C LEU A 10 -0.34 -1.24 2.09
N LEU A 11 0.98 -1.29 1.92
CA LEU A 11 1.81 -2.14 2.77
C LEU A 11 1.93 -1.46 4.11
N LYS A 12 2.22 -0.16 4.06
CA LYS A 12 2.33 0.63 5.27
C LYS A 12 0.95 0.71 5.92
N SER A 13 -0.08 0.79 5.08
CA SER A 13 -1.45 0.84 5.58
C SER A 13 -1.89 -0.55 5.98
N LEU A 14 -1.18 -1.56 5.51
CA LEU A 14 -1.51 -2.93 5.86
C LEU A 14 -1.10 -3.19 7.30
N LYS A 15 -0.06 -2.50 7.74
CA LYS A 15 0.45 -2.66 9.10
C LYS A 15 -0.36 -1.85 10.10
N ARG A 16 -0.17 -0.54 10.07
CA ARG A 16 -0.86 0.35 11.00
C ARG A 16 -2.19 0.88 10.44
N LEU A 17 -2.57 0.45 9.24
CA LEU A 17 -3.80 0.95 8.62
C LEU A 17 -3.57 2.36 8.09
N GLY A 18 -2.30 2.69 7.92
CA GLY A 18 -1.92 4.00 7.42
C GLY A 18 -1.93 5.06 8.49
N ALA A 1 0.08 -1.21 -15.80
CA ALA A 1 -0.22 -1.45 -14.36
C ALA A 1 0.19 -0.24 -13.51
N LEU A 2 -0.22 -0.25 -12.25
CA LEU A 2 0.09 0.85 -11.34
C LEU A 2 -0.34 0.53 -9.92
N TYR A 3 -1.47 -0.14 -9.80
CA TYR A 3 -2.00 -0.52 -8.49
C TYR A 3 -0.90 -1.10 -7.60
N LYS A 4 0.13 -1.63 -8.23
CA LYS A 4 1.25 -2.21 -7.51
C LYS A 4 1.94 -1.17 -6.65
N LYS A 5 2.03 0.05 -7.18
CA LYS A 5 2.65 1.14 -6.45
C LYS A 5 1.70 1.62 -5.36
N PHE A 6 0.42 1.65 -5.69
CA PHE A 6 -0.56 2.07 -4.71
C PHE A 6 -0.65 1.04 -3.61
N LYS A 7 -0.30 -0.20 -3.94
CA LYS A 7 -0.31 -1.26 -2.98
C LYS A 7 0.84 -1.05 -2.00
N LYS A 8 1.92 -0.45 -2.51
CA LYS A 8 3.08 -0.14 -1.69
C LYS A 8 2.62 0.66 -0.49
N LYS A 9 1.91 1.72 -0.79
CA LYS A 9 1.35 2.57 0.24
C LYS A 9 0.36 1.79 1.08
N LEU A 10 -0.18 0.72 0.50
CA LEU A 10 -1.10 -0.12 1.21
C LEU A 10 -0.35 -1.11 2.06
N LEU A 11 0.96 -1.14 1.88
CA LEU A 11 1.81 -2.02 2.66
C LEU A 11 2.00 -1.41 4.03
N LYS A 12 2.33 -0.13 4.05
CA LYS A 12 2.50 0.59 5.30
C LYS A 12 1.15 0.69 6.00
N SER A 13 0.08 0.77 5.21
CA SER A 13 -1.25 0.87 5.77
C SER A 13 -1.71 -0.50 6.23
N LEU A 14 -1.23 -1.54 5.58
CA LEU A 14 -1.60 -2.88 5.97
C LEU A 14 -1.07 -3.13 7.38
N LYS A 15 0.02 -2.43 7.71
CA LYS A 15 0.63 -2.56 9.01
C LYS A 15 -0.23 -1.90 10.10
N ARG A 16 -0.41 -0.58 10.03
CA ARG A 16 -1.21 0.13 11.03
C ARG A 16 -2.69 0.23 10.63
N LEU A 17 -2.93 0.48 9.34
CA LEU A 17 -4.29 0.62 8.75
C LEU A 17 -4.37 1.86 7.84
N GLY A 18 -3.22 2.46 7.55
CA GLY A 18 -3.20 3.65 6.71
C GLY A 18 -2.82 4.90 7.49
N ALA A 1 0.47 -1.46 -15.61
CA ALA A 1 0.31 -1.74 -14.16
C ALA A 1 0.43 -0.45 -13.35
N LEU A 2 0.07 -0.53 -12.08
CA LEU A 2 0.14 0.64 -11.20
C LEU A 2 -0.24 0.28 -9.77
N TYR A 3 -1.17 -0.64 -9.62
CA TYR A 3 -1.61 -1.08 -8.30
C TYR A 3 -0.42 -1.39 -7.40
N LYS A 4 0.73 -1.64 -8.01
CA LYS A 4 1.92 -1.93 -7.28
C LYS A 4 2.40 -0.73 -6.49
N LYS A 5 2.12 0.45 -6.99
CA LYS A 5 2.50 1.67 -6.30
C LYS A 5 1.45 2.00 -5.24
N PHE A 6 0.19 1.77 -5.57
CA PHE A 6 -0.89 2.03 -4.63
C PHE A 6 -0.92 0.96 -3.56
N LYS A 7 -0.61 -0.26 -3.93
CA LYS A 7 -0.58 -1.35 -2.97
C LYS A 7 0.56 -1.11 -2.01
N LYS A 8 1.62 -0.50 -2.53
CA LYS A 8 2.80 -0.18 -1.74
C LYS A 8 2.39 0.62 -0.53
N LYS A 9 1.69 1.71 -0.79
CA LYS A 9 1.24 2.55 0.29
C LYS A 9 0.21 1.81 1.13
N LEU A 10 -0.34 0.74 0.56
CA LEU A 10 -1.29 -0.06 1.29
C LEU A 10 -0.56 -1.12 2.06
N LEU A 11 0.75 -1.18 1.84
CA LEU A 11 1.57 -2.14 2.55
C LEU A 11 1.85 -1.60 3.93
N LYS A 12 2.34 -0.37 3.99
CA LYS A 12 2.60 0.24 5.28
C LYS A 12 1.27 0.51 5.96
N SER A 13 0.22 0.71 5.15
CA SER A 13 -1.11 0.94 5.69
C SER A 13 -1.76 -0.39 6.01
N LEU A 14 -1.23 -1.46 5.42
CA LEU A 14 -1.73 -2.78 5.69
C LEU A 14 -1.41 -3.13 7.14
N LYS A 15 -0.27 -2.64 7.61
CA LYS A 15 0.14 -2.91 8.98
C LYS A 15 -0.48 -1.91 9.96
N ARG A 16 0.10 -0.72 10.05
CA ARG A 16 -0.38 0.29 10.98
C ARG A 16 -1.40 1.24 10.35
N LEU A 17 -1.73 1.01 9.08
CA LEU A 17 -2.64 1.88 8.35
C LEU A 17 -1.85 3.10 7.89
N GLY A 18 -0.53 2.90 7.82
CA GLY A 18 0.35 3.97 7.38
C GLY A 18 0.39 5.15 8.35
N ALA A 1 -0.03 -0.80 -15.84
CA ALA A 1 0.01 -1.20 -14.41
C ALA A 1 0.32 -0.01 -13.51
N LEU A 2 0.01 -0.16 -12.22
CA LEU A 2 0.24 0.91 -11.26
C LEU A 2 -0.21 0.50 -9.87
N TYR A 3 -1.26 -0.30 -9.82
CA TYR A 3 -1.82 -0.78 -8.56
C TYR A 3 -0.78 -1.36 -7.64
N LYS A 4 0.39 -1.61 -8.17
CA LYS A 4 1.43 -2.19 -7.38
C LYS A 4 2.19 -1.12 -6.60
N LYS A 5 2.21 0.09 -7.14
CA LYS A 5 2.86 1.20 -6.45
C LYS A 5 1.94 1.73 -5.36
N PHE A 6 0.65 1.77 -5.65
CA PHE A 6 -0.32 2.23 -4.68
C PHE A 6 -0.67 1.13 -3.68
N LYS A 7 -0.35 -0.11 -4.04
CA LYS A 7 -0.56 -1.23 -3.14
C LYS A 7 0.51 -1.16 -2.08
N LYS A 8 1.67 -0.67 -2.53
CA LYS A 8 2.83 -0.49 -1.68
C LYS A 8 2.47 0.39 -0.51
N LYS A 9 1.93 1.53 -0.87
CA LYS A 9 1.48 2.48 0.15
C LYS A 9 0.40 1.85 1.00
N LEU A 10 -0.29 0.86 0.43
CA LEU A 10 -1.33 0.17 1.17
C LEU A 10 -0.68 -0.84 2.10
N LEU A 11 0.61 -1.07 1.91
CA LEU A 11 1.35 -1.97 2.78
C LEU A 11 1.55 -1.26 4.09
N LYS A 12 1.99 -0.02 4.00
CA LYS A 12 2.19 0.81 5.16
C LYS A 12 0.87 0.89 5.92
N SER A 13 -0.23 0.97 5.18
CA SER A 13 -1.55 1.01 5.77
C SER A 13 -1.87 -0.33 6.41
N LEU A 14 -1.45 -1.40 5.73
CA LEU A 14 -1.65 -2.75 6.22
C LEU A 14 -0.89 -2.94 7.53
N LYS A 15 0.31 -2.41 7.58
CA LYS A 15 1.16 -2.50 8.77
C LYS A 15 0.37 -2.07 10.00
N ARG A 16 -0.03 -0.81 10.02
CA ARG A 16 -0.81 -0.27 11.14
C ARG A 16 -2.30 -0.44 10.89
N LEU A 17 -2.83 0.35 9.94
CA LEU A 17 -4.25 0.30 9.58
C LEU A 17 -4.65 1.56 8.83
N GLY A 18 -3.75 2.06 7.99
CA GLY A 18 -4.02 3.26 7.23
C GLY A 18 -3.67 4.53 7.98
N ALA A 1 -0.77 -0.36 -15.81
CA ALA A 1 -0.54 -0.83 -14.42
C ALA A 1 -0.15 0.34 -13.51
N LEU A 2 -0.44 0.21 -12.22
CA LEU A 2 -0.12 1.25 -11.25
C LEU A 2 -0.38 0.78 -9.83
N TYR A 3 -1.46 0.02 -9.66
CA TYR A 3 -1.83 -0.51 -8.35
C TYR A 3 -0.60 -0.94 -7.59
N LYS A 4 0.37 -1.43 -8.33
CA LYS A 4 1.59 -1.90 -7.75
C LYS A 4 2.17 -0.86 -6.80
N LYS A 5 2.13 0.39 -7.21
CA LYS A 5 2.60 1.47 -6.37
C LYS A 5 1.58 1.73 -5.26
N PHE A 6 0.32 1.50 -5.58
CA PHE A 6 -0.75 1.72 -4.62
C PHE A 6 -0.74 0.65 -3.54
N LYS A 7 -0.31 -0.56 -3.87
CA LYS A 7 -0.24 -1.61 -2.86
C LYS A 7 0.83 -1.22 -1.87
N LYS A 8 1.89 -0.63 -2.40
CA LYS A 8 3.02 -0.17 -1.60
C LYS A 8 2.50 0.62 -0.42
N LYS A 9 1.75 1.66 -0.75
CA LYS A 9 1.14 2.52 0.25
C LYS A 9 0.14 1.72 1.08
N LEU A 10 -0.31 0.61 0.54
CA LEU A 10 -1.23 -0.25 1.26
C LEU A 10 -0.45 -1.26 2.07
N LEU A 11 0.86 -1.21 1.93
CA LEU A 11 1.74 -2.09 2.68
C LEU A 11 1.94 -1.48 4.06
N LYS A 12 2.26 -0.20 4.06
CA LYS A 12 2.42 0.51 5.32
C LYS A 12 1.06 0.66 5.99
N SER A 13 0.03 0.77 5.15
CA SER A 13 -1.33 0.89 5.65
C SER A 13 -1.85 -0.48 6.04
N LEU A 14 -1.25 -1.51 5.47
CA LEU A 14 -1.65 -2.85 5.80
C LEU A 14 -1.28 -3.14 7.24
N LYS A 15 -0.18 -2.56 7.68
CA LYS A 15 0.28 -2.76 9.03
C LYS A 15 -0.42 -1.83 10.02
N ARG A 16 0.02 -0.59 10.08
CA ARG A 16 -0.56 0.38 11.01
C ARG A 16 -1.71 1.17 10.40
N LEU A 17 -2.06 0.88 9.16
CA LEU A 17 -3.10 1.62 8.47
C LEU A 17 -2.51 2.93 7.98
N GLY A 18 -1.18 2.94 7.87
CA GLY A 18 -0.48 4.13 7.41
C GLY A 18 -0.38 5.19 8.48
N ALA A 1 0.75 0.47 -14.89
CA ALA A 1 0.44 -0.11 -13.56
C ALA A 1 0.06 0.97 -12.55
N LEU A 2 -0.48 0.55 -11.41
CA LEU A 2 -0.89 1.48 -10.36
C LEU A 2 -0.96 0.78 -9.02
N TYR A 3 -1.65 -0.35 -9.00
CA TYR A 3 -1.80 -1.14 -7.79
C TYR A 3 -0.44 -1.51 -7.22
N LYS A 4 0.61 -1.35 -8.01
CA LYS A 4 1.92 -1.70 -7.49
C LYS A 4 2.45 -0.61 -6.61
N LYS A 5 2.32 0.61 -7.06
CA LYS A 5 2.79 1.71 -6.27
C LYS A 5 1.79 2.06 -5.19
N PHE A 6 0.52 1.88 -5.49
CA PHE A 6 -0.52 2.18 -4.53
C PHE A 6 -0.76 1.01 -3.58
N LYS A 7 -0.45 -0.22 -4.03
CA LYS A 7 -0.59 -1.34 -3.11
C LYS A 7 0.54 -1.24 -2.10
N LYS A 8 1.67 -0.68 -2.58
CA LYS A 8 2.82 -0.44 -1.75
C LYS A 8 2.40 0.40 -0.57
N LYS A 9 1.69 1.45 -0.91
CA LYS A 9 1.15 2.37 0.08
C LYS A 9 0.14 1.64 0.94
N LEU A 10 -0.40 0.54 0.41
CA LEU A 10 -1.35 -0.26 1.16
C LEU A 10 -0.61 -1.27 2.02
N LEU A 11 0.72 -1.32 1.84
CA LEU A 11 1.55 -2.21 2.62
C LEU A 11 1.80 -1.56 3.95
N LYS A 12 2.11 -0.28 3.91
CA LYS A 12 2.32 0.47 5.13
C LYS A 12 0.99 0.63 5.85
N SER A 13 -0.08 0.73 5.05
CA SER A 13 -1.41 0.86 5.59
C SER A 13 -1.92 -0.50 6.04
N LEU A 14 -1.34 -1.55 5.49
CA LEU A 14 -1.73 -2.88 5.87
C LEU A 14 -1.27 -3.14 7.29
N LYS A 15 -0.13 -2.56 7.65
CA LYS A 15 0.41 -2.74 8.99
C LYS A 15 -0.23 -1.80 10.00
N ARG A 16 0.22 -0.55 10.02
CA ARG A 16 -0.30 0.44 10.96
C ARG A 16 -1.48 1.24 10.38
N LEU A 17 -1.89 0.90 9.17
CA LEU A 17 -2.97 1.64 8.51
C LEU A 17 -2.39 2.94 7.95
N GLY A 18 -1.08 2.92 7.72
CA GLY A 18 -0.41 4.09 7.19
C GLY A 18 -0.38 5.24 8.18
#